data_6XL2
#
_entry.id   6XL2
#
_cell.length_a   52.811
_cell.length_b   53.453
_cell.length_c   90.607
_cell.angle_alpha   90.000
_cell.angle_beta   90.000
_cell.angle_gamma   90.000
#
_symmetry.space_group_name_H-M   'P 21 21 21'
#
loop_
_entity.id
_entity.type
_entity.pdbx_description
1 polymer ArrX
2 non-polymer ARSENATE
3 water water
#
_entity_poly.entity_id   1
_entity_poly.type   'polypeptide(L)'
_entity_poly.pdbx_seq_one_letter_code
;HHHHHHDYDIPTTENLYFQGAMGSSVKPIPVDLSERSTRLATVDSPGVFRVAVSSMISPLETMKGYGPVLSYIEQQTGRK
VELVQRRTYREVNELIRENKIDLAFICTYSFVEAELFGARPVAVPQVEGNPYYQAVVITRRDSGINSLEELRNKRFAFTD
PMSFSGHIALRGELVKVDRTPETFFASTFYTYSHDNSLRAVYDGIVDGATIDSLVFRSSNILYPEIGAALQVVHVSPLVG
APPVVVSPGLSEEDYQLIRRAFLNMHNEPLGKQALDTLFIDRFVMVNSGHYDYIREIAGKIEVVE
;
_entity_poly.pdbx_strand_id   A
#
# COMPACT_ATOMS: atom_id res chain seq x y z
N SER A 45 -28.40 17.92 -4.88
CA SER A 45 -28.41 18.17 -3.39
C SER A 45 -27.40 17.27 -2.66
N PRO A 46 -27.19 15.99 -3.03
CA PRO A 46 -26.16 15.17 -2.37
C PRO A 46 -24.77 15.82 -2.45
N GLY A 47 -24.04 15.85 -1.34
CA GLY A 47 -22.68 16.42 -1.27
C GLY A 47 -21.67 15.59 -2.06
N VAL A 48 -20.59 16.23 -2.53
CA VAL A 48 -19.46 15.56 -3.25
C VAL A 48 -18.90 14.45 -2.36
N PHE A 49 -18.43 13.36 -2.96
CA PHE A 49 -17.81 12.20 -2.26
C PHE A 49 -16.35 12.12 -2.68
N ARG A 50 -15.42 12.33 -1.75
CA ARG A 50 -13.98 12.47 -2.09
C ARG A 50 -13.22 11.18 -1.76
N VAL A 51 -12.48 10.66 -2.74
CA VAL A 51 -11.64 9.45 -2.62
C VAL A 51 -10.17 9.85 -2.75
N ALA A 52 -9.37 9.54 -1.73
CA ALA A 52 -7.93 9.86 -1.69
C ALA A 52 -7.11 8.62 -2.03
N VAL A 53 -6.03 8.82 -2.79
CA VAL A 53 -5.08 7.75 -3.19
C VAL A 53 -3.69 8.39 -3.27
N SER A 54 -2.65 7.54 -3.23
CA SER A 54 -1.26 7.98 -3.51
CA SER A 54 -1.25 7.92 -3.52
C SER A 54 -1.09 8.22 -5.01
N SER A 55 -0.43 9.33 -5.35
CA SER A 55 -0.10 9.72 -6.74
C SER A 55 1.10 8.91 -7.26
N MET A 56 1.79 8.15 -6.40
CA MET A 56 3.13 7.60 -6.75
C MET A 56 3.07 6.11 -7.12
N ILE A 57 1.92 5.45 -7.01
CA ILE A 57 1.80 3.99 -7.34
C ILE A 57 1.81 3.82 -8.86
N SER A 58 1.05 4.66 -9.59
CA SER A 58 0.90 4.56 -11.05
CA SER A 58 0.90 4.56 -11.06
C SER A 58 0.95 5.96 -11.66
N PRO A 59 2.12 6.63 -11.68
CA PRO A 59 2.21 7.98 -12.22
C PRO A 59 1.63 8.04 -13.65
N LEU A 60 0.82 9.07 -13.91
CA LEU A 60 0.14 9.37 -15.20
C LEU A 60 -1.00 8.39 -15.49
N GLU A 61 -1.26 7.40 -14.64
CA GLU A 61 -2.27 6.33 -14.92
C GLU A 61 -3.19 6.11 -13.72
N THR A 62 -3.27 7.07 -12.80
CA THR A 62 -4.04 6.92 -11.54
C THR A 62 -5.53 7.04 -11.85
N MET A 63 -5.96 8.11 -12.54
CA MET A 63 -7.40 8.26 -12.94
C MET A 63 -7.77 7.13 -13.92
N LYS A 64 -6.82 6.68 -14.74
CA LYS A 64 -7.02 5.55 -15.68
C LYS A 64 -7.43 4.30 -14.88
N GLY A 65 -6.69 3.99 -13.81
CA GLY A 65 -6.91 2.81 -12.96
C GLY A 65 -8.14 2.95 -12.09
N TYR A 66 -8.37 4.12 -11.47
CA TYR A 66 -9.44 4.31 -10.45
C TYR A 66 -10.76 4.75 -11.09
N GLY A 67 -10.73 5.26 -12.33
CA GLY A 67 -11.92 5.84 -12.99
C GLY A 67 -13.16 4.95 -12.84
N PRO A 68 -13.11 3.67 -13.29
CA PRO A 68 -14.26 2.78 -13.17
C PRO A 68 -14.77 2.57 -11.73
N VAL A 69 -13.91 2.45 -10.72
CA VAL A 69 -14.41 2.30 -9.33
C VAL A 69 -15.04 3.63 -8.85
N LEU A 70 -14.53 4.78 -9.30
CA LEU A 70 -15.15 6.09 -8.95
C LEU A 70 -16.56 6.10 -9.56
N SER A 71 -16.71 5.63 -10.79
CA SER A 71 -18.03 5.55 -11.49
C SER A 71 -18.96 4.59 -10.72
N TYR A 72 -18.42 3.49 -10.21
CA TYR A 72 -19.20 2.50 -9.41
C TYR A 72 -19.70 3.19 -8.14
N ILE A 73 -18.83 3.92 -7.44
CA ILE A 73 -19.20 4.64 -6.19
C ILE A 73 -20.29 5.66 -6.52
N GLU A 74 -20.21 6.35 -7.65
CA GLU A 74 -21.24 7.34 -8.09
C GLU A 74 -22.58 6.60 -8.27
N GLN A 75 -22.56 5.44 -8.92
CA GLN A 75 -23.79 4.63 -9.16
C GLN A 75 -24.41 4.19 -7.82
N GLN A 76 -23.60 3.80 -6.84
CA GLN A 76 -24.09 3.18 -5.57
C GLN A 76 -24.50 4.27 -4.57
N THR A 77 -23.98 5.51 -4.68
CA THR A 77 -24.20 6.59 -3.68
C THR A 77 -25.05 7.73 -4.25
N GLY A 78 -25.08 7.92 -5.57
CA GLY A 78 -25.74 9.07 -6.23
C GLY A 78 -24.97 10.37 -6.06
N ARG A 79 -23.76 10.29 -5.50
CA ARG A 79 -22.91 11.49 -5.21
C ARG A 79 -21.81 11.58 -6.27
N LYS A 80 -21.52 12.81 -6.70
CA LYS A 80 -20.37 13.12 -7.59
C LYS A 80 -19.09 12.75 -6.83
N VAL A 81 -18.20 12.02 -7.48
CA VAL A 81 -16.93 11.56 -6.85
C VAL A 81 -15.77 12.40 -7.38
N GLU A 82 -14.92 12.86 -6.47
CA GLU A 82 -13.68 13.62 -6.76
CA GLU A 82 -13.68 13.58 -6.82
C GLU A 82 -12.50 12.76 -6.31
N LEU A 83 -11.50 12.57 -7.17
CA LEU A 83 -10.25 11.85 -6.83
C LEU A 83 -9.28 12.88 -6.28
N VAL A 84 -8.75 12.59 -5.09
CA VAL A 84 -7.80 13.46 -4.33
C VAL A 84 -6.49 12.70 -4.26
N GLN A 85 -5.45 13.19 -4.94
CA GLN A 85 -4.14 12.49 -5.02
C GLN A 85 -3.14 13.23 -4.14
N ARG A 86 -2.29 12.50 -3.43
CA ARG A 86 -1.15 13.08 -2.69
C ARG A 86 0.09 12.21 -2.87
N ARG A 87 1.26 12.83 -2.89
CA ARG A 87 2.56 12.12 -3.07
C ARG A 87 2.82 11.22 -1.85
N THR A 88 2.48 11.65 -0.63
CA THR A 88 2.93 10.97 0.61
C THR A 88 1.72 10.42 1.37
N TYR A 89 1.88 9.28 2.05
N TYR A 89 1.92 9.26 2.00
CA TYR A 89 0.81 8.64 2.83
CA TYR A 89 0.95 8.59 2.91
C TYR A 89 0.59 9.45 4.12
C TYR A 89 0.58 9.54 4.03
N ARG A 90 1.58 10.25 4.58
CA ARG A 90 1.38 11.19 5.71
C ARG A 90 0.29 12.21 5.32
N GLU A 91 0.38 12.78 4.12
CA GLU A 91 -0.62 13.76 3.61
C GLU A 91 -2.00 13.10 3.52
N VAL A 92 -2.08 11.89 2.97
CA VAL A 92 -3.39 11.19 2.83
C VAL A 92 -3.97 10.97 4.23
N ASN A 93 -3.16 10.54 5.20
CA ASN A 93 -3.65 10.26 6.57
C ASN A 93 -4.18 11.56 7.22
N GLU A 94 -3.55 12.71 6.97
CA GLU A 94 -4.00 13.99 7.59
C GLU A 94 -5.34 14.40 6.97
N LEU A 95 -5.56 14.13 5.67
CA LEU A 95 -6.87 14.38 5.01
C LEU A 95 -7.95 13.54 5.70
N ILE A 96 -7.63 12.29 6.04
CA ILE A 96 -8.58 11.38 6.74
C ILE A 96 -8.83 11.96 8.13
N ARG A 97 -7.77 12.30 8.88
CA ARG A 97 -7.90 12.80 10.27
C ARG A 97 -8.80 14.04 10.31
N GLU A 98 -8.64 14.95 9.34
CA GLU A 98 -9.35 16.26 9.30
C GLU A 98 -10.71 16.11 8.61
N ASN A 99 -11.11 14.90 8.19
CA ASN A 99 -12.41 14.65 7.53
C ASN A 99 -12.53 15.51 6.27
N LYS A 100 -11.42 15.69 5.55
CA LYS A 100 -11.37 16.48 4.29
C LYS A 100 -11.68 15.56 3.10
N ILE A 101 -11.73 14.26 3.33
CA ILE A 101 -12.13 13.25 2.31
C ILE A 101 -13.04 12.20 2.98
N ASP A 102 -13.68 11.35 2.17
CA ASP A 102 -14.70 10.38 2.67
C ASP A 102 -14.09 8.98 2.74
N LEU A 103 -13.32 8.61 1.73
CA LEU A 103 -12.78 7.25 1.54
C LEU A 103 -11.35 7.36 1.04
N ALA A 104 -10.48 6.46 1.49
CA ALA A 104 -9.07 6.43 1.06
C ALA A 104 -8.60 5.01 0.83
N PHE A 105 -7.81 4.83 -0.22
CA PHE A 105 -6.97 3.63 -0.47
C PHE A 105 -5.61 3.93 0.14
N ILE A 106 -5.34 3.38 1.32
CA ILE A 106 -4.09 3.65 2.07
C ILE A 106 -3.31 2.34 2.18
N CYS A 107 -2.03 2.44 2.54
CA CYS A 107 -1.17 1.25 2.71
C CYS A 107 -1.41 0.71 4.12
N THR A 108 -0.86 -0.47 4.43
N THR A 108 -0.76 -0.39 4.46
CA THR A 108 -1.13 -1.22 5.69
CA THR A 108 -1.09 -1.25 5.62
C THR A 108 -0.68 -0.41 6.91
C THR A 108 -0.60 -0.60 6.93
N TYR A 109 0.57 0.08 6.93
CA TYR A 109 1.06 0.81 8.12
C TYR A 109 0.23 2.08 8.32
N SER A 110 -0.12 2.78 7.24
CA SER A 110 -0.97 4.00 7.26
C SER A 110 -2.28 3.66 7.98
N PHE A 111 -2.82 2.47 7.69
CA PHE A 111 -4.09 1.98 8.27
C PHE A 111 -3.94 1.82 9.79
N VAL A 112 -2.83 1.24 10.25
CA VAL A 112 -2.58 1.01 11.71
C VAL A 112 -2.62 2.38 12.42
N GLU A 113 -1.95 3.39 11.88
CA GLU A 113 -1.95 4.78 12.44
C GLU A 113 -3.36 5.38 12.30
N ALA A 114 -4.02 5.23 11.16
CA ALA A 114 -5.31 5.89 10.86
C ALA A 114 -6.42 5.36 11.79
N GLU A 115 -6.40 4.05 12.10
CA GLU A 115 -7.42 3.42 12.98
CA GLU A 115 -7.41 3.41 12.99
C GLU A 115 -7.40 4.10 14.36
N LEU A 116 -6.23 4.58 14.80
CA LEU A 116 -6.05 5.21 16.14
C LEU A 116 -6.72 6.59 16.17
N PHE A 117 -7.01 7.21 15.03
CA PHE A 117 -7.77 8.49 15.00
C PHE A 117 -9.15 8.27 14.37
N GLY A 118 -9.62 7.02 14.39
CA GLY A 118 -11.04 6.67 14.15
C GLY A 118 -11.36 6.39 12.69
N ALA A 119 -10.36 6.26 11.81
CA ALA A 119 -10.60 5.76 10.44
C ALA A 119 -11.20 4.36 10.58
N ARG A 120 -12.21 4.02 9.79
CA ARG A 120 -12.94 2.73 9.89
CA ARG A 120 -12.91 2.72 9.90
C ARG A 120 -12.64 1.90 8.64
N PRO A 121 -12.22 0.62 8.80
CA PRO A 121 -11.99 -0.24 7.65
C PRO A 121 -13.31 -0.59 6.95
N VAL A 122 -13.28 -0.54 5.63
CA VAL A 122 -14.43 -0.85 4.71
C VAL A 122 -14.28 -2.29 4.25
N ALA A 123 -13.13 -2.61 3.66
CA ALA A 123 -12.86 -3.91 3.03
C ALA A 123 -11.38 -3.97 2.61
N VAL A 124 -10.92 -5.17 2.24
CA VAL A 124 -9.54 -5.39 1.73
C VAL A 124 -9.67 -6.06 0.37
N PRO A 125 -8.78 -5.73 -0.58
CA PRO A 125 -8.76 -6.41 -1.88
C PRO A 125 -8.27 -7.85 -1.73
N GLN A 126 -8.85 -8.73 -2.54
CA GLN A 126 -8.37 -10.12 -2.76
C GLN A 126 -7.90 -10.15 -4.21
N VAL A 127 -6.61 -10.39 -4.44
CA VAL A 127 -5.99 -10.26 -5.80
C VAL A 127 -5.91 -11.66 -6.43
N GLU A 128 -5.97 -11.71 -7.76
CA GLU A 128 -5.79 -12.95 -8.59
C GLU A 128 -4.60 -13.73 -8.03
N GLY A 129 -4.82 -14.98 -7.65
CA GLY A 129 -3.87 -15.82 -6.89
C GLY A 129 -4.24 -15.86 -5.41
N ASN A 130 -5.28 -15.10 -5.01
CA ASN A 130 -5.64 -14.79 -3.60
C ASN A 130 -4.36 -14.77 -2.77
N PRO A 131 -3.43 -13.83 -3.04
CA PRO A 131 -2.09 -13.91 -2.48
C PRO A 131 -2.00 -13.58 -0.99
N TYR A 132 -0.77 -13.72 -0.50
CA TYR A 132 -0.27 -13.30 0.82
C TYR A 132 0.67 -12.11 0.57
N TYR A 133 0.91 -11.29 1.58
CA TYR A 133 1.63 -9.99 1.46
C TYR A 133 2.81 -9.98 2.42
N GLN A 134 3.99 -9.64 1.93
CA GLN A 134 5.18 -9.46 2.80
C GLN A 134 6.11 -8.43 2.16
N ALA A 135 7.02 -7.89 2.97
CA ALA A 135 8.18 -7.11 2.52
C ALA A 135 9.22 -8.09 1.99
N VAL A 136 9.78 -7.80 0.82
CA VAL A 136 10.95 -8.54 0.27
C VAL A 136 12.12 -7.56 0.22
N VAL A 137 13.27 -8.00 0.70
CA VAL A 137 14.55 -7.24 0.61
C VAL A 137 15.30 -7.78 -0.61
N ILE A 138 15.69 -6.87 -1.51
CA ILE A 138 16.29 -7.24 -2.82
C ILE A 138 17.70 -6.65 -2.93
N THR A 139 18.62 -7.40 -3.54
CA THR A 139 19.97 -6.93 -3.94
C THR A 139 20.19 -7.42 -5.37
N ARG A 140 21.25 -6.96 -6.02
CA ARG A 140 21.68 -7.54 -7.32
C ARG A 140 22.32 -8.90 -7.05
N ARG A 141 22.08 -9.88 -7.93
CA ARG A 141 22.75 -11.21 -7.90
C ARG A 141 24.28 -11.02 -7.92
N ASP A 142 24.79 -10.00 -8.63
CA ASP A 142 26.26 -9.83 -8.84
C ASP A 142 26.87 -8.94 -7.75
N SER A 143 26.09 -8.52 -6.74
CA SER A 143 26.56 -7.61 -5.64
C SER A 143 27.46 -8.35 -4.66
N GLY A 144 27.27 -9.66 -4.50
CA GLY A 144 27.89 -10.48 -3.43
C GLY A 144 27.26 -10.18 -2.08
N ILE A 145 26.07 -9.57 -2.06
CA ILE A 145 25.33 -9.24 -0.81
C ILE A 145 24.11 -10.15 -0.77
N ASN A 146 24.19 -11.23 0.02
CA ASN A 146 23.32 -12.41 -0.13
C ASN A 146 22.37 -12.55 1.06
N SER A 147 22.39 -11.61 2.00
CA SER A 147 21.53 -11.63 3.22
C SER A 147 21.29 -10.20 3.68
N LEU A 148 20.24 -9.99 4.47
CA LEU A 148 19.92 -8.68 5.08
C LEU A 148 21.12 -8.24 5.93
N GLU A 149 21.66 -9.17 6.70
CA GLU A 149 22.82 -8.99 7.61
C GLU A 149 24.01 -8.37 6.87
N GLU A 150 24.27 -8.78 5.63
CA GLU A 150 25.42 -8.31 4.82
C GLU A 150 25.21 -6.89 4.28
N LEU A 151 24.01 -6.32 4.47
CA LEU A 151 23.72 -4.91 4.07
C LEU A 151 24.13 -3.94 5.18
N ARG A 152 24.66 -4.42 6.31
CA ARG A 152 25.23 -3.51 7.34
C ARG A 152 26.29 -2.63 6.66
N ASN A 153 26.23 -1.30 6.90
CA ASN A 153 27.21 -0.31 6.38
C ASN A 153 27.06 -0.16 4.86
N LYS A 154 25.90 -0.52 4.29
CA LYS A 154 25.64 -0.41 2.84
C LYS A 154 24.55 0.65 2.61
N ARG A 155 24.29 0.97 1.33
CA ARG A 155 23.32 2.01 0.92
C ARG A 155 21.97 1.32 0.74
N PHE A 156 20.90 1.92 1.26
CA PHE A 156 19.58 1.24 1.27
C PHE A 156 18.45 2.19 0.87
N ALA A 157 17.54 1.70 0.04
CA ALA A 157 16.34 2.44 -0.42
C ALA A 157 15.10 2.00 0.34
N PHE A 158 14.35 2.99 0.85
CA PHE A 158 12.97 2.85 1.35
C PHE A 158 12.06 3.54 0.35
N THR A 159 10.74 3.36 0.47
CA THR A 159 9.76 4.05 -0.40
C THR A 159 9.25 5.28 0.36
N ASP A 160 8.15 5.10 1.08
CA ASP A 160 7.48 6.15 1.89
C ASP A 160 7.74 5.82 3.36
N PRO A 161 8.06 6.83 4.20
CA PRO A 161 8.25 6.60 5.63
C PRO A 161 7.09 5.83 6.31
N MET A 162 5.88 5.92 5.75
CA MET A 162 4.70 5.29 6.40
CA MET A 162 4.63 5.34 6.31
C MET A 162 4.35 3.97 5.70
N SER A 163 5.27 3.42 4.91
CA SER A 163 5.08 2.12 4.22
C SER A 163 5.59 1.00 5.13
N PHE A 164 4.84 -0.08 5.28
CA PHE A 164 5.29 -1.31 5.95
C PHE A 164 6.34 -2.01 5.07
N SER A 165 5.94 -2.40 3.86
CA SER A 165 6.80 -3.20 2.95
C SER A 165 7.97 -2.35 2.42
N GLY A 166 7.81 -1.03 2.39
CA GLY A 166 8.82 -0.08 1.88
C GLY A 166 9.62 0.57 2.98
N HIS A 167 9.39 0.26 4.27
CA HIS A 167 10.14 0.91 5.36
C HIS A 167 9.98 0.20 6.71
N ILE A 168 8.78 0.20 7.26
CA ILE A 168 8.57 -0.13 8.72
C ILE A 168 8.95 -1.59 8.98
N ALA A 169 8.73 -2.53 8.05
CA ALA A 169 9.08 -3.94 8.25
C ALA A 169 10.58 -4.03 8.61
N LEU A 170 11.43 -3.32 7.87
CA LEU A 170 12.90 -3.32 8.10
C LEU A 170 13.23 -2.61 9.41
N ARG A 171 12.64 -1.45 9.66
CA ARG A 171 12.90 -0.70 10.92
C ARG A 171 12.54 -1.60 12.10
N GLY A 172 11.37 -2.26 12.05
CA GLY A 172 10.93 -3.20 13.10
C GLY A 172 11.94 -4.32 13.35
N GLU A 173 12.43 -4.96 12.28
CA GLU A 173 13.37 -6.11 12.32
CA GLU A 173 13.34 -6.13 12.39
C GLU A 173 14.69 -5.70 13.00
N LEU A 174 15.16 -4.49 12.71
CA LEU A 174 16.48 -4.00 13.20
C LEU A 174 16.45 -3.80 14.73
N VAL A 175 15.28 -3.61 15.33
CA VAL A 175 15.15 -3.49 16.81
C VAL A 175 15.79 -4.71 17.47
N LYS A 176 15.71 -5.89 16.84
CA LYS A 176 16.21 -7.18 17.40
C LYS A 176 17.71 -7.06 17.72
N VAL A 177 18.46 -6.27 16.96
CA VAL A 177 19.95 -6.13 17.11
C VAL A 177 20.28 -4.71 17.59
N ASP A 178 19.32 -4.05 18.24
CA ASP A 178 19.50 -2.73 18.91
C ASP A 178 20.01 -1.71 17.89
N ARG A 179 19.44 -1.72 16.68
CA ARG A 179 19.82 -0.78 15.60
C ARG A 179 18.57 -0.12 15.02
N THR A 180 18.81 0.96 14.30
CA THR A 180 17.84 1.64 13.41
C THR A 180 18.45 1.63 12.02
N PRO A 181 17.67 1.92 10.96
CA PRO A 181 18.24 2.06 9.62
C PRO A 181 19.43 3.02 9.62
N GLU A 182 19.36 4.11 10.40
CA GLU A 182 20.40 5.16 10.43
C GLU A 182 21.69 4.58 11.05
N THR A 183 21.59 3.67 12.02
CA THR A 183 22.78 3.11 12.74
C THR A 183 23.18 1.76 12.14
N PHE A 184 22.43 1.22 11.18
CA PHE A 184 22.73 -0.08 10.53
C PHE A 184 23.31 0.16 9.13
N PHE A 185 22.62 0.96 8.31
CA PHE A 185 23.04 1.27 6.92
C PHE A 185 24.00 2.47 6.90
N ALA A 186 24.86 2.52 5.89
CA ALA A 186 25.76 3.67 5.63
C ALA A 186 24.92 4.89 5.26
N SER A 187 23.86 4.70 4.48
CA SER A 187 22.93 5.79 4.11
C SER A 187 21.59 5.18 3.70
N THR A 188 20.52 5.94 3.86
CA THR A 188 19.16 5.54 3.44
C THR A 188 18.55 6.68 2.61
N PHE A 189 17.62 6.33 1.72
CA PHE A 189 16.86 7.31 0.93
C PHE A 189 15.42 6.83 0.79
N TYR A 190 14.48 7.77 0.79
CA TYR A 190 13.03 7.53 0.60
C TYR A 190 12.69 7.93 -0.83
N THR A 191 12.43 6.93 -1.68
CA THR A 191 12.19 7.09 -3.13
C THR A 191 10.72 7.42 -3.42
N TYR A 192 9.84 7.12 -2.46
CA TYR A 192 8.35 7.25 -2.58
C TYR A 192 7.81 6.41 -3.74
N SER A 193 8.50 5.33 -4.10
CA SER A 193 8.10 4.46 -5.23
C SER A 193 8.76 3.09 -5.08
N HIS A 194 7.97 2.00 -4.98
CA HIS A 194 8.49 0.61 -5.01
C HIS A 194 9.24 0.38 -6.33
N ASP A 195 8.70 0.85 -7.46
CA ASP A 195 9.34 0.66 -8.79
C ASP A 195 10.69 1.40 -8.83
N ASN A 196 10.76 2.61 -8.28
CA ASN A 196 12.00 3.43 -8.30
C ASN A 196 13.03 2.84 -7.33
N SER A 197 12.58 2.28 -6.20
CA SER A 197 13.48 1.55 -5.28
C SER A 197 14.10 0.35 -6.02
N LEU A 198 13.26 -0.37 -6.75
CA LEU A 198 13.69 -1.51 -7.59
CA LEU A 198 13.69 -1.51 -7.61
C LEU A 198 14.74 -1.01 -8.60
N ARG A 199 14.46 0.08 -9.28
CA ARG A 199 15.37 0.65 -10.32
C ARG A 199 16.70 1.05 -9.67
N ALA A 200 16.67 1.63 -8.47
CA ALA A 200 17.88 2.12 -7.77
C ALA A 200 18.81 0.95 -7.42
N VAL A 201 18.24 -0.21 -7.06
CA VAL A 201 19.06 -1.44 -6.79
C VAL A 201 19.64 -1.90 -8.11
N TYR A 202 18.82 -1.96 -9.15
CA TYR A 202 19.23 -2.40 -10.51
C TYR A 202 20.42 -1.56 -11.00
N ASP A 203 20.37 -0.23 -10.82
CA ASP A 203 21.40 0.74 -11.32
C ASP A 203 22.61 0.84 -10.37
N GLY A 204 22.59 0.16 -9.22
CA GLY A 204 23.72 0.16 -8.28
C GLY A 204 23.82 1.46 -7.50
N ILE A 205 22.76 2.27 -7.51
CA ILE A 205 22.70 3.56 -6.74
C ILE A 205 22.56 3.23 -5.25
N VAL A 206 21.81 2.17 -4.92
CA VAL A 206 21.76 1.59 -3.54
C VAL A 206 22.15 0.11 -3.68
N ASP A 207 22.52 -0.49 -2.55
CA ASP A 207 22.97 -1.90 -2.46
C ASP A 207 21.77 -2.82 -2.21
N GLY A 208 20.70 -2.29 -1.61
CA GLY A 208 19.48 -3.05 -1.30
C GLY A 208 18.28 -2.15 -1.15
N ALA A 209 17.10 -2.75 -1.18
CA ALA A 209 15.81 -2.05 -0.99
C ALA A 209 14.82 -3.02 -0.37
N THR A 210 13.82 -2.49 0.33
CA THR A 210 12.67 -3.28 0.81
C THR A 210 11.45 -2.81 0.01
N ILE A 211 10.70 -3.74 -0.58
CA ILE A 211 9.52 -3.40 -1.42
C ILE A 211 8.41 -4.43 -1.21
N ASP A 212 7.25 -4.09 -1.75
CA ASP A 212 6.04 -4.92 -1.69
C ASP A 212 6.23 -6.18 -2.54
N SER A 213 5.91 -7.34 -1.98
CA SER A 213 6.00 -8.66 -2.64
C SER A 213 5.23 -8.64 -3.97
N LEU A 214 4.03 -8.05 -3.99
CA LEU A 214 3.17 -8.03 -5.22
C LEU A 214 3.85 -7.20 -6.31
N VAL A 215 4.45 -6.06 -5.96
CA VAL A 215 5.13 -5.14 -6.93
C VAL A 215 6.34 -5.85 -7.53
N PHE A 216 7.11 -6.57 -6.70
CA PHE A 216 8.27 -7.36 -7.17
C PHE A 216 7.81 -8.39 -8.20
N ARG A 217 6.76 -9.15 -7.86
CA ARG A 217 6.12 -10.19 -8.72
C ARG A 217 5.75 -9.56 -10.07
N SER A 218 4.95 -8.48 -10.04
CA SER A 218 4.46 -7.77 -11.25
CA SER A 218 4.45 -7.77 -11.24
C SER A 218 5.62 -7.20 -12.07
N SER A 219 6.64 -6.64 -11.42
CA SER A 219 7.79 -6.01 -12.09
CA SER A 219 7.79 -6.01 -12.09
C SER A 219 8.65 -7.06 -12.80
N ASN A 220 8.73 -8.27 -12.25
CA ASN A 220 9.57 -9.36 -12.80
C ASN A 220 9.00 -9.80 -14.16
N ILE A 221 7.68 -9.72 -14.33
CA ILE A 221 6.97 -9.99 -15.62
C ILE A 221 7.28 -8.84 -16.59
N LEU A 222 6.88 -7.60 -16.23
CA LEU A 222 6.99 -6.40 -17.11
C LEU A 222 8.44 -6.15 -17.55
N TYR A 223 9.42 -6.30 -16.64
CA TYR A 223 10.84 -5.93 -16.86
C TYR A 223 11.76 -7.12 -16.58
N PRO A 224 11.98 -8.02 -17.57
CA PRO A 224 12.71 -9.27 -17.32
C PRO A 224 14.23 -9.11 -17.22
N GLU A 225 14.82 -8.10 -17.87
CA GLU A 225 16.27 -7.79 -17.74
C GLU A 225 16.54 -7.41 -16.29
N ILE A 226 15.64 -6.62 -15.69
CA ILE A 226 15.77 -6.15 -14.28
C ILE A 226 15.54 -7.34 -13.34
N GLY A 227 14.45 -8.09 -13.55
CA GLY A 227 14.13 -9.32 -12.78
C GLY A 227 15.33 -10.25 -12.68
N ALA A 228 15.94 -10.58 -13.83
CA ALA A 228 17.09 -11.50 -13.96
C ALA A 228 18.26 -11.07 -13.06
N ALA A 229 18.44 -9.75 -12.88
CA ALA A 229 19.62 -9.16 -12.19
C ALA A 229 19.41 -9.14 -10.67
N LEU A 230 18.18 -9.35 -10.20
CA LEU A 230 17.83 -9.13 -8.76
C LEU A 230 17.50 -10.46 -8.08
N GLN A 231 17.70 -10.49 -6.76
CA GLN A 231 17.47 -11.66 -5.88
C GLN A 231 16.79 -11.15 -4.61
N VAL A 232 15.85 -11.93 -4.07
CA VAL A 232 15.24 -11.69 -2.74
C VAL A 232 16.15 -12.36 -1.72
N VAL A 233 16.70 -11.59 -0.77
CA VAL A 233 17.68 -12.11 0.23
C VAL A 233 17.01 -12.24 1.60
N HIS A 234 15.83 -11.67 1.77
CA HIS A 234 15.10 -11.66 3.05
C HIS A 234 13.63 -11.40 2.77
N VAL A 235 12.75 -12.05 3.53
CA VAL A 235 11.27 -11.83 3.50
C VAL A 235 10.82 -11.55 4.93
N SER A 236 9.87 -10.63 5.05
CA SER A 236 9.23 -10.25 6.34
C SER A 236 8.17 -11.28 6.70
N PRO A 237 7.63 -11.22 7.93
CA PRO A 237 6.38 -11.91 8.25
C PRO A 237 5.26 -11.44 7.32
N LEU A 238 4.22 -12.27 7.23
CA LEU A 238 3.02 -12.00 6.42
C LEU A 238 2.17 -10.96 7.14
N VAL A 239 1.54 -10.07 6.38
CA VAL A 239 0.56 -9.08 6.92
C VAL A 239 -0.64 -9.04 5.97
N GLY A 240 -1.73 -8.42 6.42
CA GLY A 240 -2.95 -8.31 5.62
C GLY A 240 -2.76 -7.36 4.44
N ALA A 241 -3.62 -7.51 3.43
CA ALA A 241 -3.77 -6.59 2.29
C ALA A 241 -4.06 -5.18 2.79
N PRO A 242 -3.67 -4.12 2.05
CA PRO A 242 -3.95 -2.74 2.46
C PRO A 242 -5.45 -2.51 2.46
N PRO A 243 -6.05 -2.08 3.59
CA PRO A 243 -7.50 -1.88 3.65
C PRO A 243 -7.93 -0.54 3.04
N VAL A 244 -9.15 -0.51 2.49
CA VAL A 244 -9.90 0.71 2.15
C VAL A 244 -10.53 1.21 3.46
N VAL A 245 -10.48 2.50 3.72
CA VAL A 245 -11.02 3.08 4.97
C VAL A 245 -11.94 4.27 4.64
N VAL A 246 -12.82 4.60 5.58
CA VAL A 246 -13.57 5.88 5.58
C VAL A 246 -13.06 6.73 6.75
N SER A 247 -13.26 8.03 6.62
CA SER A 247 -12.86 9.04 7.64
CA SER A 247 -12.88 9.05 7.63
C SER A 247 -13.75 8.87 8.87
N PRO A 248 -13.28 9.29 10.06
CA PRO A 248 -14.07 9.15 11.29
C PRO A 248 -15.42 9.91 11.24
N GLY A 249 -15.50 10.99 10.45
CA GLY A 249 -16.69 11.89 10.38
C GLY A 249 -17.88 11.27 9.67
N LEU A 250 -17.67 10.39 8.69
CA LEU A 250 -18.72 9.79 7.84
C LEU A 250 -19.79 9.12 8.73
N SER A 251 -21.08 9.23 8.38
CA SER A 251 -22.22 8.69 9.16
C SER A 251 -22.20 7.16 9.15
N GLU A 252 -22.86 6.53 10.12
CA GLU A 252 -22.98 5.06 10.21
C GLU A 252 -23.70 4.52 8.97
N GLU A 253 -24.71 5.24 8.46
CA GLU A 253 -25.51 4.82 7.28
C GLU A 253 -24.61 4.86 6.03
N ASP A 254 -23.84 5.92 5.85
CA ASP A 254 -22.88 6.09 4.73
C ASP A 254 -21.83 4.97 4.81
N TYR A 255 -21.32 4.69 6.01
CA TYR A 255 -20.33 3.61 6.24
C TYR A 255 -20.92 2.28 5.77
N GLN A 256 -22.12 1.95 6.24
CA GLN A 256 -22.79 0.67 5.90
C GLN A 256 -23.03 0.58 4.38
N LEU A 257 -23.46 1.68 3.77
CA LEU A 257 -23.78 1.74 2.31
C LEU A 257 -22.51 1.46 1.52
N ILE A 258 -21.40 2.11 1.91
CA ILE A 258 -20.12 1.98 1.14
CA ILE A 258 -20.08 1.99 1.20
C ILE A 258 -19.55 0.57 1.39
N ARG A 259 -19.61 0.04 2.62
CA ARG A 259 -19.13 -1.33 2.92
C ARG A 259 -19.89 -2.33 2.04
N ARG A 260 -21.22 -2.26 2.03
CA ARG A 260 -22.09 -3.13 1.18
C ARG A 260 -21.64 -3.05 -0.28
N ALA A 261 -21.41 -1.84 -0.80
CA ALA A 261 -21.02 -1.59 -2.20
C ALA A 261 -19.68 -2.28 -2.51
N PHE A 262 -18.71 -2.21 -1.61
CA PHE A 262 -17.38 -2.84 -1.83
C PHE A 262 -17.52 -4.37 -1.77
N LEU A 263 -18.20 -4.89 -0.74
CA LEU A 263 -18.30 -6.35 -0.49
C LEU A 263 -19.17 -7.00 -1.59
N ASN A 264 -20.02 -6.24 -2.26
CA ASN A 264 -20.92 -6.75 -3.34
C ASN A 264 -20.39 -6.36 -4.73
N MET A 265 -19.20 -5.73 -4.82
CA MET A 265 -18.71 -5.10 -6.08
C MET A 265 -18.63 -6.14 -7.21
N HIS A 266 -18.20 -7.36 -6.90
CA HIS A 266 -17.96 -8.45 -7.89
C HIS A 266 -19.28 -9.01 -8.45
N ASN A 267 -20.44 -8.59 -7.93
CA ASN A 267 -21.78 -9.05 -8.39
C ASN A 267 -22.48 -7.96 -9.22
N GLU A 268 -21.83 -6.82 -9.46
CA GLU A 268 -22.39 -5.66 -10.20
C GLU A 268 -21.63 -5.45 -11.52
N PRO A 269 -22.33 -5.28 -12.66
CA PRO A 269 -21.65 -5.07 -13.96
C PRO A 269 -20.56 -3.98 -13.93
N LEU A 270 -20.89 -2.79 -13.41
CA LEU A 270 -19.94 -1.65 -13.27
CA LEU A 270 -19.92 -1.66 -13.28
C LEU A 270 -18.86 -2.02 -12.23
N GLY A 271 -19.24 -2.72 -11.17
CA GLY A 271 -18.30 -3.23 -10.14
C GLY A 271 -17.28 -4.19 -10.75
N LYS A 272 -17.72 -5.12 -11.59
CA LYS A 272 -16.80 -6.09 -12.24
C LYS A 272 -15.78 -5.33 -13.11
N GLN A 273 -16.22 -4.30 -13.83
CA GLN A 273 -15.33 -3.47 -14.70
CA GLN A 273 -15.34 -3.46 -14.70
C GLN A 273 -14.31 -2.75 -13.82
N ALA A 274 -14.75 -2.22 -12.67
CA ALA A 274 -13.88 -1.53 -11.69
C ALA A 274 -12.80 -2.51 -11.19
N LEU A 275 -13.22 -3.73 -10.82
CA LEU A 275 -12.31 -4.78 -10.29
C LEU A 275 -11.31 -5.21 -11.37
N ASP A 276 -11.76 -5.46 -12.60
CA ASP A 276 -10.86 -5.85 -13.73
C ASP A 276 -9.81 -4.76 -13.96
N THR A 277 -10.18 -3.48 -13.85
CA THR A 277 -9.28 -2.34 -14.13
C THR A 277 -8.19 -2.25 -13.05
N LEU A 278 -8.51 -2.61 -11.80
CA LEU A 278 -7.56 -2.58 -10.66
C LEU A 278 -6.85 -3.93 -10.49
N PHE A 279 -7.18 -4.93 -11.31
CA PHE A 279 -6.64 -6.32 -11.23
C PHE A 279 -6.87 -6.89 -9.82
N ILE A 280 -8.12 -6.77 -9.35
CA ILE A 280 -8.61 -7.30 -8.04
C ILE A 280 -9.74 -8.27 -8.36
N ASP A 281 -9.75 -9.44 -7.70
CA ASP A 281 -10.85 -10.44 -7.86
CA ASP A 281 -10.85 -10.44 -7.86
C ASP A 281 -12.11 -9.88 -7.19
N ARG A 282 -11.98 -9.44 -5.93
CA ARG A 282 -13.12 -8.91 -5.15
C ARG A 282 -12.58 -8.20 -3.89
N PHE A 283 -13.49 -7.55 -3.17
CA PHE A 283 -13.23 -7.00 -1.82
C PHE A 283 -13.89 -7.91 -0.78
N VAL A 284 -13.19 -8.15 0.32
CA VAL A 284 -13.68 -9.03 1.43
C VAL A 284 -13.56 -8.25 2.75
N MET A 285 -14.20 -8.77 3.80
CA MET A 285 -14.20 -8.11 5.13
CA MET A 285 -14.20 -8.14 5.15
C MET A 285 -12.77 -8.10 5.68
N VAL A 286 -12.43 -7.06 6.43
CA VAL A 286 -11.10 -6.92 7.09
C VAL A 286 -11.05 -7.90 8.28
N ASN A 287 -9.89 -8.49 8.53
CA ASN A 287 -9.59 -9.24 9.78
C ASN A 287 -8.50 -8.42 10.48
N SER A 288 -8.86 -7.80 11.61
CA SER A 288 -7.95 -6.86 12.34
C SER A 288 -6.65 -7.56 12.72
N GLY A 289 -6.74 -8.84 13.09
CA GLY A 289 -5.59 -9.66 13.50
C GLY A 289 -4.49 -9.67 12.46
N HIS A 290 -4.83 -9.54 11.17
CA HIS A 290 -3.86 -9.61 10.04
C HIS A 290 -2.81 -8.49 10.13
N TYR A 291 -3.04 -7.46 10.97
CA TYR A 291 -2.17 -6.27 11.09
C TYR A 291 -1.48 -6.23 12.46
N ASP A 292 -1.67 -7.26 13.29
CA ASP A 292 -1.17 -7.24 14.69
C ASP A 292 0.36 -7.21 14.71
N TYR A 293 1.03 -7.83 13.74
CA TYR A 293 2.51 -7.79 13.67
C TYR A 293 2.98 -6.34 13.50
N ILE A 294 2.28 -5.58 12.64
CA ILE A 294 2.59 -4.14 12.35
C ILE A 294 2.35 -3.35 13.65
N ARG A 295 1.23 -3.59 14.33
CA ARG A 295 0.90 -2.89 15.61
C ARG A 295 2.03 -3.13 16.62
N GLU A 296 2.57 -4.35 16.68
CA GLU A 296 3.60 -4.74 17.68
C GLU A 296 4.94 -4.05 17.36
N ILE A 297 5.40 -4.07 16.11
CA ILE A 297 6.70 -3.41 15.79
C ILE A 297 6.53 -1.89 15.89
N ALA A 298 5.36 -1.34 15.56
CA ALA A 298 5.05 0.10 15.72
C ALA A 298 5.30 0.50 17.18
N GLY A 299 4.86 -0.32 18.14
CA GLY A 299 5.03 -0.11 19.59
C GLY A 299 6.49 -0.15 20.03
N LYS A 300 7.31 -0.99 19.40
CA LYS A 300 8.77 -1.10 19.68
C LYS A 300 9.50 0.04 18.95
N ILE A 301 8.82 0.68 17.99
CA ILE A 301 9.22 1.90 17.24
C ILE A 301 10.43 1.57 16.37
#